data_5MOJ
#
_entry.id   5MOJ
#
_cell.length_a   46.532
_cell.length_b   104.065
_cell.length_c   52.937
_cell.angle_alpha   90.00
_cell.angle_beta   101.53
_cell.angle_gamma   90.00
#
_symmetry.space_group_name_H-M   'P 1 21 1'
#
loop_
_entity.id
_entity.type
_entity.pdbx_description
1 polymer 'Ig epsilon chain C region'
2 branched alpha-D-mannopyranose-(1-3)-[alpha-D-mannopyranose-(1-6)]beta-D-mannopyranose-(1-4)-2-acetamido-2-deoxy-beta-D-glucopyranose-(1-4)-2-acetamido-2-deoxy-beta-D-glucopyranose
3 non-polymer 'SULFATE ION'
4 non-polymer 1,2-ETHANEDIOL
5 non-polymer DI(HYDROXYETHYL)ETHER
6 water water
#
_entity_poly.entity_id   1
_entity_poly.type   'polypeptide(L)'
_entity_poly.pdbx_seq_one_letter_code
;ADPCADSNPRGVSAYLSRPSPFDLFIRKSPTITCLVVDLAPSKGTVQLTWSRASGKPVQHSTRKEEKQRNGTLTVTSTLP
VGTRDWIEGETYQCRVTHPHLPRALMRSTTKTSGPRAAPEVYAFATPEWPGSRDKRTLACLIQNFMPEDISVQWLHNEVQ
LPDARHSTTQPRKTKGSGFFVFSRLEVTRAEWEQKDEFICRAVHEAASPSQTVQRAVSVNPGK
;
_entity_poly.pdbx_strand_id   A,B
#
loop_
_chem_comp.id
_chem_comp.type
_chem_comp.name
_chem_comp.formula
BMA D-saccharide, beta linking beta-D-mannopyranose 'C6 H12 O6'
EDO non-polymer 1,2-ETHANEDIOL 'C2 H6 O2'
MAN D-saccharide, alpha linking alpha-D-mannopyranose 'C6 H12 O6'
NAG D-saccharide, beta linking 2-acetamido-2-deoxy-beta-D-glucopyranose 'C8 H15 N O6'
PEG non-polymer DI(HYDROXYETHYL)ETHER 'C4 H10 O3'
SO4 non-polymer 'SULFATE ION' 'O4 S -2'
#
# COMPACT_ATOMS: atom_id res chain seq x y z
N VAL A 12 2.72 -24.45 -2.53
CA VAL A 12 1.28 -24.61 -2.65
C VAL A 12 0.55 -23.92 -1.51
N SER A 13 0.19 -22.65 -1.69
CA SER A 13 -0.58 -21.92 -0.70
C SER A 13 -1.91 -21.47 -1.26
N ALA A 14 -2.83 -21.16 -0.34
CA ALA A 14 -4.20 -20.86 -0.69
C ALA A 14 -4.65 -19.59 0.03
N TYR A 15 -5.48 -18.81 -0.66
CA TYR A 15 -5.97 -17.53 -0.15
C TYR A 15 -7.44 -17.37 -0.50
N LEU A 16 -8.23 -16.92 0.46
CA LEU A 16 -9.68 -16.86 0.33
C LEU A 16 -10.14 -15.46 0.69
N SER A 17 -10.75 -14.77 -0.26
CA SER A 17 -11.10 -13.36 -0.14
C SER A 17 -12.55 -13.18 0.29
N ARG A 18 -12.85 -12.00 0.77
CA ARG A 18 -14.22 -11.59 1.05
C ARG A 18 -14.77 -10.79 -0.13
N PRO A 19 -16.09 -10.69 -0.26
CA PRO A 19 -16.66 -9.87 -1.35
C PRO A 19 -16.24 -8.42 -1.20
N SER A 20 -16.07 -7.76 -2.33
CA SER A 20 -15.83 -6.34 -2.28
C SER A 20 -17.09 -5.63 -1.78
N PRO A 21 -16.95 -4.57 -0.99
CA PRO A 21 -18.13 -3.75 -0.65
C PRO A 21 -18.93 -3.32 -1.86
N PHE A 22 -18.26 -3.04 -2.98
CA PHE A 22 -18.96 -2.62 -4.19
C PHE A 22 -19.89 -3.74 -4.69
N ASP A 23 -19.38 -4.96 -4.82
CA ASP A 23 -20.22 -6.07 -5.27
C ASP A 23 -21.35 -6.35 -4.29
N LEU A 24 -21.11 -6.15 -3.00
CA LEU A 24 -22.08 -6.52 -1.99
C LEU A 24 -23.21 -5.50 -1.90
N PHE A 25 -22.88 -4.21 -1.95
CA PHE A 25 -23.84 -3.17 -1.66
C PHE A 25 -24.32 -2.42 -2.89
N ILE A 26 -23.52 -2.30 -3.95
CA ILE A 26 -23.96 -1.56 -5.13
C ILE A 26 -24.44 -2.52 -6.21
N ARG A 27 -23.52 -3.35 -6.72
CA ARG A 27 -23.90 -4.32 -7.75
C ARG A 27 -24.84 -5.39 -7.23
N LYS A 28 -24.82 -5.65 -5.92
CA LYS A 28 -25.72 -6.61 -5.28
C LYS A 28 -25.54 -8.04 -5.81
N SER A 29 -24.35 -8.39 -6.28
CA SER A 29 -24.01 -9.77 -6.63
C SER A 29 -22.62 -10.08 -6.11
N PRO A 30 -22.50 -10.38 -4.82
CA PRO A 30 -21.18 -10.60 -4.23
C PRO A 30 -20.62 -11.97 -4.59
N THR A 31 -19.28 -12.06 -4.63
CA THR A 31 -18.60 -13.31 -4.91
C THR A 31 -17.39 -13.42 -4.00
N ILE A 32 -16.97 -14.66 -3.76
CA ILE A 32 -15.72 -14.92 -3.07
C ILE A 32 -14.83 -15.73 -3.98
N THR A 33 -13.52 -15.60 -3.76
CA THR A 33 -12.52 -16.22 -4.60
C THR A 33 -11.56 -16.99 -3.72
N CYS A 34 -11.26 -18.19 -4.15
CA CYS A 34 -10.23 -19.03 -3.55
C CYS A 34 -9.09 -19.07 -4.54
N LEU A 35 -7.91 -18.66 -4.10
CA LEU A 35 -6.76 -18.52 -5.00
C LEU A 35 -5.69 -19.50 -4.55
N VAL A 36 -5.29 -20.38 -5.45
CA VAL A 36 -4.32 -21.44 -5.15
C VAL A 36 -3.10 -21.21 -6.03
N VAL A 37 -2.00 -20.83 -5.40
CA VAL A 37 -0.72 -20.68 -6.09
C VAL A 37 0.02 -22.01 -5.95
N ASP A 38 0.05 -22.78 -7.03
CA ASP A 38 0.58 -24.13 -7.03
C ASP A 38 2.01 -24.12 -7.58
N LEU A 39 2.99 -24.27 -6.69
CA LEU A 39 4.39 -24.25 -7.10
C LEU A 39 4.79 -25.45 -7.94
N ALA A 40 3.92 -26.45 -8.08
CA ALA A 40 4.25 -27.62 -8.88
C ALA A 40 3.09 -28.02 -9.78
N PRO A 41 3.17 -27.81 -11.10
CA PRO A 41 2.07 -28.14 -12.01
C PRO A 41 1.79 -29.64 -12.05
N VAL A 46 -5.60 -30.72 -8.97
CA VAL A 46 -6.07 -29.94 -7.83
C VAL A 46 -7.57 -29.71 -7.93
N GLN A 47 -8.31 -30.10 -6.89
CA GLN A 47 -9.75 -29.88 -6.81
C GLN A 47 -10.03 -28.85 -5.74
N LEU A 48 -10.92 -27.92 -6.05
CA LEU A 48 -11.37 -26.89 -5.10
C LEU A 48 -12.82 -27.14 -4.79
N THR A 49 -13.11 -27.40 -3.52
CA THR A 49 -14.45 -27.78 -3.08
C THR A 49 -14.97 -26.73 -2.12
N TRP A 50 -16.13 -26.16 -2.43
CA TRP A 50 -16.79 -25.14 -1.64
C TRP A 50 -17.83 -25.74 -0.73
N SER A 51 -18.00 -25.15 0.46
CA SER A 51 -19.07 -25.55 1.35
C SER A 51 -19.37 -24.40 2.29
N ARG A 52 -20.57 -24.44 2.88
CA ARG A 52 -20.99 -23.45 3.86
C ARG A 52 -21.04 -24.09 5.24
N ALA A 53 -20.51 -23.37 6.24
CA ALA A 53 -20.53 -23.89 7.61
C ALA A 53 -21.94 -24.26 8.06
N SER A 54 -22.94 -23.49 7.60
CA SER A 54 -24.32 -23.78 7.94
C SER A 54 -24.80 -25.11 7.39
N GLY A 55 -24.05 -25.70 6.45
CA GLY A 55 -24.47 -26.91 5.77
C GLY A 55 -25.37 -26.71 4.55
N LYS A 56 -25.80 -25.48 4.29
CA LYS A 56 -26.72 -25.20 3.19
C LYS A 56 -26.02 -25.30 1.83
N PRO A 57 -26.78 -25.47 0.75
CA PRO A 57 -26.17 -25.66 -0.58
C PRO A 57 -25.41 -24.44 -1.06
N VAL A 58 -24.39 -24.69 -1.89
CA VAL A 58 -23.61 -23.64 -2.55
C VAL A 58 -23.93 -23.64 -4.03
N GLN A 59 -23.82 -22.46 -4.63
CA GLN A 59 -24.05 -22.31 -6.06
C GLN A 59 -22.91 -22.94 -6.86
N HIS A 60 -23.09 -23.00 -8.17
CA HIS A 60 -22.02 -23.41 -9.07
C HIS A 60 -20.92 -22.37 -9.06
N SER A 61 -19.68 -22.83 -9.04
CA SER A 61 -18.52 -21.95 -9.02
C SER A 61 -17.79 -22.02 -10.35
N THR A 62 -16.96 -21.01 -10.60
CA THR A 62 -16.18 -20.92 -11.83
C THR A 62 -14.71 -21.18 -11.50
N ARG A 63 -14.12 -22.15 -12.18
CA ARG A 63 -12.74 -22.56 -11.96
C ARG A 63 -11.87 -21.99 -13.08
N LYS A 64 -10.82 -21.24 -12.70
CA LYS A 64 -9.88 -20.65 -13.64
C LYS A 64 -8.47 -21.15 -13.33
N GLU A 65 -7.71 -21.49 -14.37
CA GLU A 65 -6.32 -21.87 -14.16
C GLU A 65 -5.45 -21.28 -15.26
N GLU A 66 -4.19 -21.00 -14.92
CA GLU A 66 -3.26 -20.42 -15.87
C GLU A 66 -1.83 -20.63 -15.39
N LYS A 67 -0.96 -21.08 -16.29
CA LYS A 67 0.47 -21.07 -16.05
C LYS A 67 0.97 -19.63 -16.04
N GLN A 68 1.80 -19.30 -15.06
CA GLN A 68 2.24 -17.93 -14.87
C GLN A 68 3.56 -17.65 -15.60
N ARG A 69 3.91 -16.36 -15.68
CA ARG A 69 5.14 -15.94 -16.34
C ARG A 69 6.39 -16.42 -15.64
N ASN A 70 6.27 -17.05 -14.46
CA ASN A 70 7.39 -17.70 -13.79
C ASN A 70 7.25 -19.22 -13.77
N GLY A 71 6.34 -19.78 -14.57
CA GLY A 71 6.13 -21.21 -14.61
C GLY A 71 5.24 -21.77 -13.53
N THR A 72 4.76 -20.95 -12.60
CA THR A 72 3.85 -21.42 -11.57
C THR A 72 2.46 -21.59 -12.13
N LEU A 73 1.74 -22.61 -11.65
CA LEU A 73 0.34 -22.79 -12.00
C LEU A 73 -0.54 -22.11 -10.95
N THR A 74 -1.44 -21.25 -11.42
CA THR A 74 -2.36 -20.53 -10.56
C THR A 74 -3.77 -21.04 -10.83
N VAL A 75 -4.48 -21.41 -9.77
CA VAL A 75 -5.86 -21.85 -9.86
C VAL A 75 -6.71 -20.96 -8.98
N THR A 76 -7.81 -20.49 -9.51
CA THR A 76 -8.77 -19.68 -8.77
C THR A 76 -10.17 -20.22 -9.02
N SER A 77 -10.97 -20.25 -7.97
CA SER A 77 -12.37 -20.62 -8.05
C SER A 77 -13.19 -19.47 -7.48
N THR A 78 -14.21 -19.07 -8.22
CA THR A 78 -15.03 -17.93 -7.83
C THR A 78 -16.45 -18.43 -7.56
N LEU A 79 -16.94 -18.19 -6.34
CA LEU A 79 -18.27 -18.65 -5.94
C LEU A 79 -19.19 -17.46 -5.72
N PRO A 80 -20.33 -17.37 -6.40
CA PRO A 80 -21.36 -16.39 -6.02
C PRO A 80 -21.99 -16.74 -4.67
N VAL A 81 -22.24 -15.72 -3.85
CA VAL A 81 -22.85 -15.95 -2.55
C VAL A 81 -24.05 -15.01 -2.40
N GLY A 82 -24.99 -15.44 -1.57
CA GLY A 82 -26.16 -14.60 -1.31
C GLY A 82 -25.78 -13.37 -0.52
N THR A 83 -26.42 -12.25 -0.86
CA THR A 83 -26.15 -10.99 -0.18
C THR A 83 -26.56 -11.06 1.28
N ARG A 84 -27.83 -11.42 1.55
CA ARG A 84 -28.30 -11.52 2.92
C ARG A 84 -27.55 -12.62 3.68
N ASP A 85 -27.35 -13.78 3.05
CA ASP A 85 -26.51 -14.83 3.65
C ASP A 85 -25.17 -14.26 4.14
N TRP A 86 -24.47 -13.51 3.29
CA TRP A 86 -23.17 -13.00 3.69
C TRP A 86 -23.29 -11.97 4.80
N ILE A 87 -24.27 -11.06 4.69
CA ILE A 87 -24.39 -9.98 5.66
C ILE A 87 -24.84 -10.51 7.02
N GLU A 88 -25.56 -11.62 7.04
CA GLU A 88 -26.04 -12.22 8.28
C GLU A 88 -25.05 -13.22 8.88
N GLY A 89 -23.83 -13.26 8.38
CA GLY A 89 -22.75 -13.96 9.06
C GLY A 89 -22.47 -15.39 8.64
N GLU A 90 -22.79 -15.77 7.41
CA GLU A 90 -22.44 -17.10 6.93
C GLU A 90 -20.93 -17.24 6.74
N THR A 91 -20.40 -18.41 7.04
CA THR A 91 -19.00 -18.75 6.82
C THR A 91 -18.92 -19.67 5.60
N TYR A 92 -18.00 -19.36 4.70
CA TYR A 92 -17.78 -20.16 3.51
C TYR A 92 -16.39 -20.78 3.60
N GLN A 93 -16.26 -21.97 3.03
CA GLN A 93 -15.06 -22.76 3.21
C GLN A 93 -14.57 -23.25 1.86
N CYS A 94 -13.29 -23.06 1.62
CA CYS A 94 -12.63 -23.56 0.43
C CYS A 94 -11.72 -24.69 0.87
N ARG A 95 -11.90 -25.87 0.29
CA ARG A 95 -11.10 -27.03 0.60
C ARG A 95 -10.31 -27.40 -0.63
N VAL A 96 -9.00 -27.57 -0.47
CA VAL A 96 -8.06 -27.78 -1.55
C VAL A 96 -7.49 -29.17 -1.40
N THR A 97 -7.72 -30.03 -2.40
CA THR A 97 -7.34 -31.43 -2.28
C THR A 97 -6.70 -31.92 -3.57
N HIS A 98 -5.95 -33.01 -3.44
CA HIS A 98 -5.37 -33.78 -4.52
C HIS A 98 -6.06 -35.15 -4.59
N PRO A 99 -5.75 -35.99 -5.62
CA PRO A 99 -6.33 -37.35 -5.70
C PRO A 99 -6.62 -38.02 -4.37
N HIS A 100 -5.66 -38.00 -3.44
CA HIS A 100 -5.91 -38.55 -2.11
C HIS A 100 -5.02 -37.86 -1.05
N ARG A 103 -4.41 -35.69 2.72
CA ARG A 103 -4.08 -34.34 3.18
C ARG A 103 -4.83 -33.28 2.35
N ALA A 104 -5.16 -32.16 2.98
CA ALA A 104 -5.89 -31.09 2.31
C ALA A 104 -5.67 -29.78 3.05
N LEU A 105 -6.05 -28.70 2.38
CA LEU A 105 -5.91 -27.35 2.91
C LEU A 105 -7.28 -26.70 2.98
N MET A 106 -7.66 -26.22 4.17
CA MET A 106 -8.95 -25.62 4.42
C MET A 106 -8.78 -24.13 4.67
N ARG A 107 -9.41 -23.31 3.85
CA ARG A 107 -9.53 -21.89 4.10
C ARG A 107 -11.00 -21.56 4.30
N SER A 108 -11.28 -20.61 5.19
CA SER A 108 -12.65 -20.15 5.42
C SER A 108 -12.68 -18.63 5.45
N THR A 109 -13.86 -18.09 5.18
CA THR A 109 -14.05 -16.64 5.16
C THR A 109 -15.44 -16.32 5.68
N THR A 110 -15.53 -15.20 6.40
CA THR A 110 -16.80 -14.70 6.91
C THR A 110 -16.66 -13.18 7.04
N LYS A 111 -17.77 -12.51 7.34
CA LYS A 111 -17.69 -11.06 7.50
C LYS A 111 -16.90 -10.72 8.76
N THR A 112 -16.26 -9.55 8.76
CA THR A 112 -15.49 -9.13 9.93
C THR A 112 -16.44 -8.63 11.01
N SER A 113 -16.07 -8.90 12.26
CA SER A 113 -16.85 -8.45 13.40
C SER A 113 -16.26 -7.14 13.93
N GLY A 114 -16.57 -6.80 15.18
CA GLY A 114 -15.95 -5.68 15.83
C GLY A 114 -16.69 -4.38 15.61
N PRO A 115 -16.15 -3.29 16.15
CA PRO A 115 -16.80 -1.99 16.02
C PRO A 115 -16.79 -1.51 14.59
N ARG A 116 -17.81 -0.74 14.22
CA ARG A 116 -17.91 -0.14 12.91
C ARG A 116 -17.64 1.36 13.01
N ALA A 117 -17.15 1.94 11.91
CA ALA A 117 -16.99 3.38 11.82
C ALA A 117 -16.96 3.76 10.35
N ALA A 118 -17.73 4.79 9.99
CA ALA A 118 -17.86 5.19 8.61
C ALA A 118 -16.60 5.92 8.13
N PRO A 119 -16.26 5.81 6.85
CA PRO A 119 -15.09 6.51 6.34
C PRO A 119 -15.33 8.00 6.20
N GLU A 120 -14.25 8.76 6.37
CA GLU A 120 -14.20 10.18 6.04
C GLU A 120 -13.43 10.32 4.74
N VAL A 121 -13.99 11.09 3.80
CA VAL A 121 -13.48 11.19 2.43
C VAL A 121 -13.03 12.62 2.17
N TYR A 122 -11.79 12.78 1.69
CA TYR A 122 -11.25 14.07 1.26
C TYR A 122 -10.62 13.90 -0.11
N ALA A 123 -11.12 14.63 -1.10
CA ALA A 123 -10.59 14.59 -2.45
C ALA A 123 -9.85 15.89 -2.76
N PHE A 124 -8.71 15.77 -3.46
CA PHE A 124 -7.83 16.88 -3.78
C PHE A 124 -7.40 16.78 -5.24
N ALA A 125 -7.04 17.94 -5.81
CA ALA A 125 -6.40 18.02 -7.11
C ALA A 125 -5.00 18.62 -6.93
N THR A 126 -4.02 18.01 -7.52
CA THR A 126 -2.71 18.62 -7.41
C THR A 126 -2.58 19.72 -8.47
N PRO A 127 -1.79 20.77 -8.18
CA PRO A 127 -1.59 21.83 -9.18
C PRO A 127 -0.80 21.33 -10.38
N GLU A 128 -0.65 22.19 -11.38
CA GLU A 128 0.12 21.84 -12.57
C GLU A 128 1.60 21.73 -12.24
N TRP A 129 2.21 20.54 -12.50
CA TRP A 129 3.66 20.48 -12.37
C TRP A 129 4.30 20.92 -13.68
N PRO A 130 5.44 21.60 -13.63
CA PRO A 130 6.06 22.14 -14.85
C PRO A 130 6.31 21.07 -15.91
N GLY A 131 5.82 21.35 -17.12
CA GLY A 131 6.07 20.48 -18.26
C GLY A 131 4.92 19.57 -18.65
N SER A 132 3.87 19.48 -17.82
CA SER A 132 2.70 18.64 -18.12
C SER A 132 1.43 19.49 -17.97
N ARG A 133 1.24 20.44 -18.90
CA ARG A 133 0.03 21.24 -18.92
C ARG A 133 -1.21 20.42 -19.25
N ASP A 134 -1.05 19.19 -19.73
CA ASP A 134 -2.17 18.42 -20.24
C ASP A 134 -2.78 17.48 -19.20
N LYS A 135 -2.06 17.17 -18.12
CA LYS A 135 -2.45 16.12 -17.19
C LYS A 135 -2.44 16.63 -15.75
N ARG A 136 -3.49 16.31 -15.01
CA ARG A 136 -3.59 16.61 -13.60
C ARG A 136 -3.76 15.31 -12.83
N THR A 137 -3.34 15.31 -11.57
CA THR A 137 -3.50 14.18 -10.69
C THR A 137 -4.57 14.53 -9.66
N LEU A 138 -5.54 13.65 -9.51
CA LEU A 138 -6.54 13.77 -8.45
C LEU A 138 -6.22 12.73 -7.39
N ALA A 139 -6.38 13.11 -6.12
CA ALA A 139 -6.12 12.20 -5.03
C ALA A 139 -7.28 12.21 -4.05
N CYS A 140 -7.41 11.11 -3.34
CA CYS A 140 -8.49 10.92 -2.38
C CYS A 140 -7.90 10.27 -1.16
N LEU A 141 -8.11 10.88 0.00
CA LEU A 141 -7.79 10.28 1.27
C LEU A 141 -9.09 9.81 1.92
N ILE A 142 -9.15 8.54 2.28
CA ILE A 142 -10.30 7.96 2.96
C ILE A 142 -9.80 7.36 4.26
N GLN A 143 -10.30 7.85 5.38
CA GLN A 143 -9.68 7.43 6.65
C GLN A 143 -10.71 7.22 7.73
N ASN A 144 -10.25 6.59 8.82
CA ASN A 144 -11.00 6.41 10.06
C ASN A 144 -12.20 5.47 9.90
N PHE A 145 -12.12 4.51 8.98
CA PHE A 145 -13.18 3.52 8.88
C PHE A 145 -12.79 2.19 9.54
N MET A 146 -13.83 1.44 9.91
CA MET A 146 -13.72 0.09 10.46
C MET A 146 -14.98 -0.68 10.10
N PRO A 147 -14.83 -1.95 9.67
CA PRO A 147 -13.55 -2.62 9.45
C PRO A 147 -12.91 -2.20 8.14
N GLU A 148 -11.87 -2.93 7.73
CA GLU A 148 -10.96 -2.45 6.70
C GLU A 148 -11.45 -2.73 5.27
N ASP A 149 -12.53 -3.49 5.09
CA ASP A 149 -13.05 -3.72 3.75
C ASP A 149 -13.67 -2.44 3.19
N ILE A 150 -13.17 -1.98 2.05
CA ILE A 150 -13.66 -0.75 1.44
C ILE A 150 -13.53 -0.87 -0.07
N SER A 151 -14.47 -0.29 -0.80
CA SER A 151 -14.31 -0.09 -2.24
C SER A 151 -14.25 1.40 -2.53
N VAL A 152 -13.39 1.76 -3.47
CA VAL A 152 -13.18 3.16 -3.87
C VAL A 152 -13.45 3.26 -5.36
N GLN A 153 -14.32 4.21 -5.74
CA GLN A 153 -14.62 4.47 -7.14
C GLN A 153 -14.49 5.95 -7.44
N TRP A 154 -14.13 6.27 -8.68
CA TRP A 154 -14.15 7.65 -9.15
C TRP A 154 -15.25 7.82 -10.19
N LEU A 155 -15.99 8.93 -10.07
CA LEU A 155 -17.05 9.26 -11.01
C LEU A 155 -16.71 10.56 -11.71
N HIS A 156 -17.00 10.62 -13.00
CA HIS A 156 -16.86 11.85 -13.76
C HIS A 156 -18.12 12.06 -14.58
N ASN A 157 -18.70 13.26 -14.47
CA ASN A 157 -19.96 13.56 -15.13
C ASN A 157 -21.01 12.50 -14.77
N GLU A 158 -21.05 12.15 -13.48
CA GLU A 158 -22.01 11.24 -12.84
C GLU A 158 -21.91 9.80 -13.32
N VAL A 159 -20.94 9.47 -14.17
CA VAL A 159 -20.73 8.11 -14.65
C VAL A 159 -19.47 7.54 -14.02
N GLN A 160 -19.51 6.26 -13.67
CA GLN A 160 -18.39 5.64 -12.97
C GLN A 160 -17.27 5.29 -13.94
N LEU A 161 -16.06 5.71 -13.60
CA LEU A 161 -14.92 5.43 -14.47
C LEU A 161 -14.50 3.97 -14.34
N PRO A 162 -13.90 3.40 -15.38
CA PRO A 162 -13.42 2.02 -15.29
C PRO A 162 -12.44 1.86 -14.15
N ASP A 163 -12.52 0.70 -13.48
CA ASP A 163 -11.70 0.45 -12.29
C ASP A 163 -10.22 0.59 -12.61
N ALA A 164 -9.80 0.22 -13.82
CA ALA A 164 -8.39 0.23 -14.16
C ALA A 164 -7.80 1.63 -14.28
N ARG A 165 -8.61 2.68 -14.16
CA ARG A 165 -8.09 4.04 -14.33
C ARG A 165 -7.58 4.65 -13.04
N HIS A 166 -7.81 4.03 -11.88
CA HIS A 166 -7.31 4.52 -10.61
C HIS A 166 -6.56 3.40 -9.89
N SER A 167 -5.72 3.78 -8.93
CA SER A 167 -5.09 2.82 -8.04
C SER A 167 -5.32 3.25 -6.61
N THR A 168 -5.54 2.26 -5.75
CA THR A 168 -5.88 2.47 -4.34
C THR A 168 -4.89 1.70 -3.49
N THR A 169 -4.37 2.34 -2.44
CA THR A 169 -3.39 1.66 -1.61
C THR A 169 -4.08 0.63 -0.71
N GLN A 170 -3.29 -0.17 -0.05
CA GLN A 170 -3.91 -1.13 0.87
C GLN A 170 -4.24 -0.43 2.19
N PRO A 171 -5.31 -0.86 2.87
CA PRO A 171 -5.67 -0.22 4.15
C PRO A 171 -4.58 -0.40 5.20
N ARG A 172 -4.22 0.71 5.84
CA ARG A 172 -3.25 0.71 6.92
C ARG A 172 -3.92 1.26 8.17
N LYS A 173 -3.40 0.87 9.33
CA LYS A 173 -3.97 1.29 10.60
C LYS A 173 -3.55 2.72 10.92
N THR A 174 -4.52 3.54 11.33
CA THR A 174 -4.20 4.85 11.87
C THR A 174 -3.59 4.68 13.25
N LYS A 175 -3.22 5.81 13.88
CA LYS A 175 -2.57 5.74 15.18
C LYS A 175 -3.51 5.20 16.25
N GLY A 176 -4.73 5.72 16.31
CA GLY A 176 -5.71 5.23 17.26
C GLY A 176 -6.52 4.07 16.70
N SER A 177 -7.73 4.35 16.25
CA SER A 177 -8.56 3.37 15.57
C SER A 177 -8.92 3.87 14.18
N GLY A 178 -9.33 2.94 13.34
CA GLY A 178 -9.68 3.28 11.98
C GLY A 178 -8.55 2.99 11.01
N PHE A 179 -8.92 2.67 9.79
CA PHE A 179 -7.97 2.46 8.72
C PHE A 179 -7.97 3.67 7.79
N PHE A 180 -6.97 3.72 6.90
CA PHE A 180 -6.97 4.74 5.86
C PHE A 180 -6.41 4.13 4.58
N VAL A 181 -6.91 4.64 3.45
CA VAL A 181 -6.36 4.35 2.14
C VAL A 181 -6.24 5.67 1.40
N PHE A 182 -5.40 5.69 0.39
CA PHE A 182 -5.31 6.76 -0.58
C PHE A 182 -5.67 6.19 -1.95
N SER A 183 -6.29 7.01 -2.77
CA SER A 183 -6.55 6.65 -4.15
C SER A 183 -6.05 7.75 -5.07
N ARG A 184 -5.57 7.36 -6.25
CA ARG A 184 -4.98 8.25 -7.23
C ARG A 184 -5.67 8.11 -8.59
N LEU A 185 -6.00 9.24 -9.21
CA LEU A 185 -6.61 9.26 -10.54
C LEU A 185 -5.92 10.31 -11.39
N GLU A 186 -5.39 9.90 -12.54
CA GLU A 186 -4.83 10.84 -13.52
C GLU A 186 -5.92 11.25 -14.51
N VAL A 187 -6.08 12.56 -14.70
CA VAL A 187 -7.07 13.12 -15.63
C VAL A 187 -6.37 13.94 -16.68
N THR A 188 -6.93 13.96 -17.88
CA THR A 188 -6.43 14.75 -18.99
C THR A 188 -7.08 16.14 -19.00
N ARG A 189 -6.51 17.03 -19.81
CA ARG A 189 -7.05 18.38 -19.91
C ARG A 189 -8.48 18.37 -20.42
N ALA A 190 -8.77 17.53 -21.40
CA ALA A 190 -10.12 17.49 -21.99
C ALA A 190 -11.17 17.04 -20.96
N GLU A 191 -10.77 16.22 -19.99
CA GLU A 191 -11.75 15.74 -19.03
C GLU A 191 -12.22 16.86 -18.11
N TRP A 192 -11.28 17.56 -17.47
CA TRP A 192 -11.68 18.64 -16.58
C TRP A 192 -12.20 19.85 -17.35
N GLU A 193 -11.91 19.97 -18.64
CA GLU A 193 -12.47 21.06 -19.44
C GLU A 193 -13.89 20.75 -19.93
N GLN A 194 -14.27 19.47 -20.03
CA GLN A 194 -15.66 19.12 -20.28
C GLN A 194 -16.54 19.45 -19.07
N LYS A 195 -16.13 18.98 -17.90
CA LYS A 195 -16.70 19.44 -16.65
C LYS A 195 -15.64 19.28 -15.57
N ASP A 196 -15.52 20.31 -14.73
CA ASP A 196 -14.47 20.39 -13.73
C ASP A 196 -14.87 19.77 -12.38
N GLU A 197 -15.59 18.65 -12.38
CA GLU A 197 -16.03 18.03 -11.14
C GLU A 197 -15.88 16.52 -11.26
N PHE A 198 -14.92 15.98 -10.51
CA PHE A 198 -14.79 14.54 -10.32
C PHE A 198 -15.20 14.20 -8.90
N ILE A 199 -15.63 12.96 -8.72
CA ILE A 199 -16.15 12.50 -7.44
C ILE A 199 -15.39 11.26 -7.01
N CYS A 200 -14.91 11.29 -5.77
CA CYS A 200 -14.35 10.12 -5.11
C CYS A 200 -15.41 9.49 -4.23
N ARG A 201 -15.73 8.23 -4.47
CA ARG A 201 -16.78 7.55 -3.73
C ARG A 201 -16.20 6.35 -2.99
N ALA A 202 -16.50 6.25 -1.71
CA ALA A 202 -16.10 5.11 -0.90
C ALA A 202 -17.33 4.28 -0.59
N VAL A 203 -17.26 2.98 -0.87
CA VAL A 203 -18.33 2.06 -0.50
C VAL A 203 -17.84 1.27 0.71
N HIS A 204 -18.60 1.34 1.81
CA HIS A 204 -18.20 0.72 3.07
C HIS A 204 -19.44 0.38 3.87
N GLU A 205 -19.35 -0.69 4.66
CA GLU A 205 -20.53 -1.21 5.34
C GLU A 205 -21.04 -0.27 6.43
N ALA A 206 -20.19 0.57 7.02
CA ALA A 206 -20.58 1.39 8.14
C ALA A 206 -21.10 2.76 7.73
N ALA A 207 -20.98 3.13 6.46
CA ALA A 207 -21.51 4.40 5.98
C ALA A 207 -23.03 4.34 5.88
N SER A 208 -23.69 5.39 6.35
CA SER A 208 -25.15 5.41 6.37
C SER A 208 -25.66 6.57 5.52
N PRO A 209 -26.84 6.38 4.89
CA PRO A 209 -27.66 5.17 4.98
C PRO A 209 -27.48 4.20 3.81
N SER A 210 -26.73 4.61 2.79
CA SER A 210 -26.59 3.85 1.56
C SER A 210 -25.25 3.15 1.42
N GLN A 211 -24.45 3.09 2.48
CA GLN A 211 -23.14 2.46 2.46
C GLN A 211 -22.16 3.16 1.52
N THR A 212 -22.40 4.42 1.17
CA THR A 212 -21.47 5.20 0.36
C THR A 212 -21.22 6.55 1.01
N VAL A 213 -20.00 7.05 0.86
CA VAL A 213 -19.63 8.43 1.18
C VAL A 213 -18.89 8.97 -0.03
N GLN A 214 -19.23 10.18 -0.46
CA GLN A 214 -18.68 10.77 -1.68
C GLN A 214 -18.27 12.20 -1.42
N ARG A 215 -17.19 12.63 -2.08
CA ARG A 215 -16.75 14.02 -2.06
C ARG A 215 -16.30 14.40 -3.47
N ALA A 216 -16.65 15.62 -3.86
CA ALA A 216 -16.26 16.20 -5.14
C ALA A 216 -14.94 16.95 -5.02
N VAL A 217 -14.29 17.15 -6.16
CA VAL A 217 -13.09 17.99 -6.25
C VAL A 217 -13.04 18.63 -7.63
N SER A 218 -12.48 19.85 -7.70
CA SER A 218 -12.34 20.59 -8.94
C SER A 218 -10.88 20.88 -9.24
N VAL A 219 -10.50 20.78 -10.51
CA VAL A 219 -9.11 20.95 -10.92
C VAL A 219 -8.66 22.41 -10.78
N ASN A 220 -9.46 23.34 -11.29
CA ASN A 220 -9.11 24.77 -11.17
C ASN A 220 -10.19 25.56 -10.42
N VAL B 12 9.43 -20.30 5.20
CA VAL B 12 10.79 -19.79 5.27
C VAL B 12 11.09 -18.78 4.16
N SER B 13 10.66 -17.54 4.35
CA SER B 13 10.88 -16.49 3.37
C SER B 13 12.13 -15.69 3.72
N ALA B 14 12.76 -15.12 2.70
CA ALA B 14 13.95 -14.31 2.87
C ALA B 14 13.87 -13.10 1.96
N TYR B 15 14.27 -11.95 2.48
CA TYR B 15 14.22 -10.70 1.73
C TYR B 15 15.48 -9.91 2.03
N LEU B 16 15.96 -9.18 1.02
CA LEU B 16 17.13 -8.32 1.17
C LEU B 16 16.75 -6.92 0.70
N SER B 17 17.04 -5.92 1.52
CA SER B 17 16.64 -4.55 1.23
C SER B 17 17.85 -3.66 0.99
N ARG B 18 17.77 -2.81 -0.03
CA ARG B 18 18.80 -1.82 -0.32
C ARG B 18 18.81 -0.77 0.79
N PRO B 19 19.84 0.08 0.88
CA PRO B 19 19.81 1.17 1.86
C PRO B 19 18.69 2.16 1.57
N SER B 20 18.20 2.79 2.62
CA SER B 20 17.28 3.90 2.46
C SER B 20 18.04 5.09 1.89
N PRO B 21 17.45 5.84 0.98
CA PRO B 21 18.16 7.04 0.48
C PRO B 21 18.55 7.98 1.60
N PHE B 22 17.73 8.10 2.64
CA PHE B 22 18.08 8.92 3.79
C PHE B 22 19.42 8.48 4.38
N ASP B 23 19.55 7.19 4.71
CA ASP B 23 20.82 6.69 5.22
C ASP B 23 21.94 6.90 4.22
N LEU B 24 21.64 6.75 2.93
CA LEU B 24 22.68 6.77 1.91
C LEU B 24 23.18 8.18 1.63
N PHE B 25 22.28 9.17 1.52
CA PHE B 25 22.67 10.50 1.06
C PHE B 25 22.71 11.56 2.14
N ILE B 26 21.98 11.39 3.24
CA ILE B 26 21.97 12.40 4.30
C ILE B 26 22.88 11.95 5.43
N ARG B 27 22.51 10.84 6.08
CA ARG B 27 23.31 10.30 7.18
C ARG B 27 24.67 9.83 6.69
N LYS B 28 24.76 9.37 5.45
CA LYS B 28 25.98 8.78 4.89
C LYS B 28 26.45 7.60 5.75
N SER B 29 25.52 6.83 6.29
CA SER B 29 25.83 5.55 6.93
C SER B 29 24.79 4.51 6.52
N PRO B 30 24.85 4.06 5.26
CA PRO B 30 23.82 3.15 4.75
C PRO B 30 23.98 1.74 5.31
N THR B 31 22.85 1.05 5.46
CA THR B 31 22.87 -0.35 5.85
C THR B 31 21.97 -1.13 4.91
N ILE B 32 22.20 -2.43 4.84
CA ILE B 32 21.29 -3.32 4.13
C ILE B 32 20.83 -4.38 5.12
N THR B 33 19.62 -4.87 4.93
CA THR B 33 18.98 -5.74 5.90
C THR B 33 18.52 -7.04 5.23
N CYS B 34 18.91 -8.15 5.81
CA CYS B 34 18.42 -9.46 5.43
C CYS B 34 17.39 -9.89 6.46
N LEU B 35 16.15 -10.11 5.99
CA LEU B 35 15.03 -10.45 6.85
C LEU B 35 14.62 -11.90 6.58
N VAL B 36 14.52 -12.70 7.65
CA VAL B 36 14.10 -14.08 7.58
C VAL B 36 12.90 -14.27 8.49
N VAL B 37 11.82 -14.79 7.93
CA VAL B 37 10.60 -15.08 8.68
C VAL B 37 10.38 -16.59 8.71
N ASP B 38 9.87 -17.07 9.85
CA ASP B 38 9.56 -18.49 10.07
C ASP B 38 10.81 -19.37 10.04
N THR B 45 19.02 -23.01 15.19
CA THR B 45 19.26 -21.60 14.95
C THR B 45 19.54 -21.34 13.48
N VAL B 46 19.30 -20.11 13.03
CA VAL B 46 19.41 -19.73 11.63
C VAL B 46 20.69 -18.93 11.43
N GLN B 47 21.54 -19.37 10.50
CA GLN B 47 22.79 -18.68 10.19
C GLN B 47 22.59 -17.73 9.01
N LEU B 48 23.05 -16.49 9.18
CA LEU B 48 22.94 -15.45 8.15
C LEU B 48 24.33 -14.91 7.85
N THR B 49 24.80 -15.13 6.63
CA THR B 49 26.18 -14.86 6.27
C THR B 49 26.26 -13.94 5.05
N TRP B 50 27.01 -12.86 5.17
CA TRP B 50 27.16 -11.86 4.12
C TRP B 50 28.43 -12.09 3.32
N SER B 51 28.38 -11.69 2.04
CA SER B 51 29.58 -11.61 1.23
C SER B 51 29.42 -10.49 0.22
N ARG B 52 30.55 -10.03 -0.32
CA ARG B 52 30.59 -9.04 -1.39
C ARG B 52 31.00 -9.72 -2.69
N ALA B 53 30.40 -9.28 -3.79
CA ALA B 53 30.75 -9.85 -5.09
C ALA B 53 32.22 -9.59 -5.45
N SER B 54 32.73 -8.42 -5.07
CA SER B 54 34.12 -8.07 -5.40
C SER B 54 35.13 -8.91 -4.63
N GLY B 55 34.70 -9.68 -3.62
CA GLY B 55 35.60 -10.49 -2.81
C GLY B 55 36.10 -9.82 -1.55
N LYS B 56 35.95 -8.50 -1.42
CA LYS B 56 36.47 -7.76 -0.28
C LYS B 56 35.72 -8.15 0.99
N PRO B 57 36.29 -7.86 2.16
CA PRO B 57 35.64 -8.23 3.41
C PRO B 57 34.43 -7.34 3.71
N VAL B 58 33.51 -7.90 4.49
CA VAL B 58 32.31 -7.20 4.93
C VAL B 58 32.52 -6.78 6.38
N GLN B 59 31.76 -5.78 6.81
CA GLN B 59 31.87 -5.31 8.19
C GLN B 59 31.07 -6.22 9.11
N HIS B 60 31.13 -5.95 10.41
CA HIS B 60 30.43 -6.76 11.39
C HIS B 60 28.94 -6.42 11.36
N SER B 61 28.10 -7.45 11.29
CA SER B 61 26.66 -7.25 11.20
C SER B 61 26.00 -7.42 12.57
N THR B 62 24.73 -7.02 12.63
CA THR B 62 23.92 -7.10 13.84
C THR B 62 22.77 -8.08 13.57
N ARG B 63 22.67 -9.12 14.39
CA ARG B 63 21.60 -10.10 14.27
C ARG B 63 20.53 -9.79 15.31
N LYS B 64 19.30 -9.59 14.85
CA LYS B 64 18.13 -9.39 15.71
C LYS B 64 17.22 -10.61 15.59
N GLU B 65 16.67 -11.03 16.73
CA GLU B 65 15.77 -12.19 16.78
C GLU B 65 14.61 -11.89 17.70
N GLU B 66 13.39 -12.12 17.23
CA GLU B 66 12.21 -11.88 18.04
C GLU B 66 11.13 -12.89 17.68
N LYS B 67 10.42 -13.37 18.70
CA LYS B 67 9.23 -14.18 18.48
C LYS B 67 8.02 -13.28 18.27
N GLN B 68 7.18 -13.64 17.31
CA GLN B 68 6.00 -12.85 16.99
C GLN B 68 4.78 -13.44 17.70
N ARG B 69 3.66 -12.71 17.59
CA ARG B 69 2.42 -13.16 18.23
C ARG B 69 1.92 -14.47 17.64
N ASN B 70 2.16 -14.70 16.36
CA ASN B 70 1.70 -15.90 15.67
C ASN B 70 2.67 -17.07 15.79
N GLY B 71 3.53 -17.07 16.81
CA GLY B 71 4.38 -18.21 17.09
C GLY B 71 5.58 -18.39 16.17
N THR B 72 5.74 -17.53 15.17
CA THR B 72 6.90 -17.62 14.29
C THR B 72 8.06 -16.81 14.85
N LEU B 73 9.26 -17.12 14.36
CA LEU B 73 10.48 -16.45 14.79
C LEU B 73 11.03 -15.63 13.62
N THR B 74 11.22 -14.34 13.86
CA THR B 74 11.78 -13.43 12.87
C THR B 74 13.25 -13.18 13.18
N VAL B 75 14.10 -13.37 12.18
CA VAL B 75 15.53 -13.08 12.30
C VAL B 75 15.90 -12.06 11.25
N THR B 76 16.54 -10.98 11.68
CA THR B 76 17.05 -9.98 10.76
C THR B 76 18.54 -9.78 11.02
N SER B 77 19.26 -9.49 9.94
CA SER B 77 20.67 -9.11 10.05
C SER B 77 20.86 -7.83 9.26
N THR B 78 21.38 -6.80 9.93
CA THR B 78 21.65 -5.52 9.31
C THR B 78 23.16 -5.38 9.16
N LEU B 79 23.59 -5.01 7.96
CA LEU B 79 25.00 -4.95 7.59
C LEU B 79 25.35 -3.54 7.15
N PRO B 80 26.24 -2.83 7.84
CA PRO B 80 26.73 -1.55 7.31
C PRO B 80 27.53 -1.77 6.04
N VAL B 81 27.38 -0.85 5.08
CA VAL B 81 28.12 -0.92 3.83
C VAL B 81 28.75 0.45 3.56
N GLY B 82 29.85 0.44 2.83
CA GLY B 82 30.49 1.68 2.45
C GLY B 82 29.64 2.45 1.46
N THR B 83 29.58 3.77 1.65
CA THR B 83 28.76 4.62 0.78
C THR B 83 29.29 4.64 -0.64
N ARG B 84 30.60 4.86 -0.81
CA ARG B 84 31.17 4.90 -2.16
C ARG B 84 31.10 3.52 -2.81
N ASP B 85 31.46 2.47 -2.07
CA ASP B 85 31.25 1.10 -2.52
C ASP B 85 29.84 0.93 -3.09
N TRP B 86 28.83 1.26 -2.28
CA TRP B 86 27.46 1.05 -2.72
C TRP B 86 27.13 1.88 -3.95
N ILE B 87 27.53 3.16 -3.95
CA ILE B 87 27.20 4.04 -5.07
C ILE B 87 27.97 3.68 -6.33
N GLU B 88 29.12 3.04 -6.21
CA GLU B 88 29.89 2.65 -7.40
C GLU B 88 29.56 1.26 -7.92
N GLY B 89 28.67 0.51 -7.26
CA GLY B 89 28.10 -0.68 -7.87
C GLY B 89 28.48 -2.03 -7.29
N GLU B 90 28.76 -2.08 -6.00
CA GLU B 90 29.06 -3.35 -5.36
C GLU B 90 27.79 -4.18 -5.20
N THR B 91 27.93 -5.50 -5.28
CA THR B 91 26.82 -6.43 -5.08
C THR B 91 27.03 -7.20 -3.79
N TYR B 92 26.04 -7.14 -2.90
CA TYR B 92 26.10 -7.84 -1.62
C TYR B 92 25.18 -9.05 -1.64
N GLN B 93 25.55 -10.06 -0.87
CA GLN B 93 24.82 -11.32 -0.83
C GLN B 93 24.60 -11.73 0.61
N CYS B 94 23.37 -12.11 0.92
CA CYS B 94 22.99 -12.71 2.19
C CYS B 94 22.63 -14.17 1.92
N ARG B 95 23.32 -15.09 2.58
CA ARG B 95 23.07 -16.51 2.45
C ARG B 95 22.51 -17.05 3.76
N VAL B 96 21.45 -17.85 3.68
CA VAL B 96 20.75 -18.35 4.86
C VAL B 96 21.03 -19.85 5.01
N THR B 97 21.33 -20.27 6.24
CA THR B 97 21.68 -21.66 6.55
C THR B 97 20.89 -22.13 7.78
N HIS B 98 20.11 -23.19 7.60
CA HIS B 98 19.36 -23.78 8.71
C HIS B 98 19.91 -25.16 9.08
N LEU B 105 20.14 -21.29 0.23
CA LEU B 105 19.22 -20.18 0.00
C LEU B 105 19.93 -18.83 0.13
N MET B 106 19.99 -18.07 -0.97
CA MET B 106 20.79 -16.86 -1.06
C MET B 106 19.95 -15.74 -1.67
N ARG B 107 20.27 -14.51 -1.26
CA ARG B 107 19.70 -13.30 -1.84
C ARG B 107 20.82 -12.32 -2.12
N SER B 108 20.63 -11.47 -3.13
CA SER B 108 21.62 -10.47 -3.50
C SER B 108 20.94 -9.13 -3.76
N THR B 109 21.74 -8.08 -3.69
CA THR B 109 21.22 -6.72 -3.84
C THR B 109 22.34 -5.82 -4.32
N THR B 110 21.96 -4.80 -5.10
CA THR B 110 22.90 -3.86 -5.68
C THR B 110 22.12 -2.60 -6.02
N LYS B 111 22.87 -1.50 -6.23
CA LYS B 111 22.25 -0.23 -6.59
C LYS B 111 21.38 -0.40 -7.82
N THR B 112 20.23 0.29 -7.83
CA THR B 112 19.32 0.17 -8.96
C THR B 112 19.93 0.82 -10.19
N SER B 113 19.61 0.27 -11.35
CA SER B 113 20.06 0.77 -12.63
C SER B 113 18.88 1.31 -13.41
N GLY B 114 19.17 2.16 -14.39
CA GLY B 114 18.18 2.55 -15.35
C GLY B 114 17.88 4.04 -15.34
N PRO B 115 16.79 4.41 -16.00
CA PRO B 115 16.41 5.82 -16.07
C PRO B 115 16.14 6.41 -14.69
N ARG B 116 16.45 7.69 -14.56
CA ARG B 116 16.22 8.43 -13.34
C ARG B 116 15.26 9.57 -13.61
N ALA B 117 14.46 9.89 -12.60
CA ALA B 117 13.51 10.98 -12.68
C ALA B 117 13.26 11.48 -11.27
N ALA B 118 13.21 12.81 -11.11
CA ALA B 118 13.13 13.34 -9.75
C ALA B 118 11.69 13.27 -9.24
N PRO B 119 11.52 13.24 -7.92
CA PRO B 119 10.15 13.22 -7.35
C PRO B 119 9.49 14.59 -7.38
N GLU B 120 8.21 14.58 -7.72
CA GLU B 120 7.31 15.73 -7.58
C GLU B 120 6.52 15.58 -6.29
N VAL B 121 6.57 16.60 -5.44
CA VAL B 121 6.05 16.55 -4.08
C VAL B 121 4.87 17.51 -3.98
N TYR B 122 3.75 17.03 -3.47
CA TYR B 122 2.63 17.90 -3.16
C TYR B 122 2.09 17.57 -1.78
N ALA B 123 2.06 18.57 -0.91
CA ALA B 123 1.63 18.41 0.48
C ALA B 123 0.36 19.21 0.69
N PHE B 124 -0.57 18.65 1.46
CA PHE B 124 -1.86 19.30 1.65
C PHE B 124 -2.44 18.94 3.01
N ALA B 125 -3.42 19.74 3.42
CA ALA B 125 -4.05 19.58 4.72
C ALA B 125 -5.53 19.30 4.51
N THR B 126 -6.04 18.31 5.22
CA THR B 126 -7.47 18.06 5.15
C THR B 126 -8.22 19.14 5.93
N PRO B 127 -9.42 19.51 5.48
CA PRO B 127 -10.29 20.33 6.32
C PRO B 127 -10.74 19.55 7.54
N GLU B 128 -11.16 20.29 8.57
CA GLU B 128 -11.60 19.67 9.82
C GLU B 128 -12.75 18.72 9.57
N TRP B 129 -12.64 17.51 10.10
CA TRP B 129 -13.79 16.62 9.96
C TRP B 129 -14.76 16.84 11.12
N PRO B 130 -16.06 16.97 10.83
CA PRO B 130 -17.05 17.19 11.89
C PRO B 130 -16.91 16.21 13.05
N GLY B 131 -16.66 16.74 14.23
CA GLY B 131 -16.41 15.89 15.38
C GLY B 131 -15.01 16.04 15.95
N SER B 132 -14.00 15.90 15.09
CA SER B 132 -12.60 15.94 15.52
C SER B 132 -12.04 17.34 15.32
N ARG B 133 -12.44 18.25 16.21
CA ARG B 133 -11.94 19.62 16.14
C ARG B 133 -10.49 19.74 16.58
N ASP B 134 -10.00 18.80 17.39
CA ASP B 134 -8.64 18.89 17.91
C ASP B 134 -7.60 18.27 17.00
N LYS B 135 -7.98 17.68 15.87
CA LYS B 135 -7.03 17.00 15.00
C LYS B 135 -7.20 17.45 13.56
N ARG B 136 -6.09 17.42 12.82
CA ARG B 136 -6.09 17.58 11.38
C ARG B 136 -5.18 16.53 10.77
N THR B 137 -5.43 16.20 9.51
CA THR B 137 -4.61 15.24 8.79
C THR B 137 -3.84 15.99 7.72
N LEU B 138 -2.52 15.87 7.76
CA LEU B 138 -1.67 16.34 6.69
C LEU B 138 -1.30 15.13 5.84
N ALA B 139 -1.30 15.32 4.55
CA ALA B 139 -0.92 14.24 3.66
C ALA B 139 0.06 14.76 2.62
N CYS B 140 0.75 13.84 1.99
CA CYS B 140 1.75 14.19 1.01
C CYS B 140 1.65 13.22 -0.14
N LEU B 141 1.59 13.74 -1.36
CA LEU B 141 1.70 12.91 -2.56
C LEU B 141 3.05 13.15 -3.20
N ILE B 142 3.75 12.07 -3.50
CA ILE B 142 5.05 12.13 -4.14
C ILE B 142 4.99 11.21 -5.33
N GLN B 143 5.24 11.73 -6.53
CA GLN B 143 5.06 10.88 -7.69
C GLN B 143 6.08 11.17 -8.78
N ASN B 144 6.07 10.32 -9.81
CA ASN B 144 6.87 10.45 -11.03
C ASN B 144 8.37 10.30 -10.81
N PHE B 145 8.79 9.65 -9.73
CA PHE B 145 10.20 9.42 -9.46
C PHE B 145 10.62 8.03 -9.94
N MET B 146 11.89 7.93 -10.32
CA MET B 146 12.52 6.67 -10.72
C MET B 146 13.97 6.70 -10.27
N PRO B 147 14.47 5.63 -9.63
CA PRO B 147 13.80 4.35 -9.33
C PRO B 147 12.99 4.41 -8.03
N GLU B 148 12.55 3.24 -7.56
CA GLU B 148 11.50 3.20 -6.54
C GLU B 148 11.98 3.63 -5.17
N ASP B 149 13.27 3.47 -4.88
CA ASP B 149 13.77 3.79 -3.55
C ASP B 149 13.59 5.27 -3.23
N ILE B 150 12.95 5.55 -2.11
CA ILE B 150 12.67 6.91 -1.69
C ILE B 150 12.54 6.91 -0.18
N SER B 151 12.94 8.01 0.46
CA SER B 151 12.73 8.21 1.89
C SER B 151 11.89 9.46 2.08
N VAL B 152 10.88 9.36 2.96
CA VAL B 152 9.95 10.45 3.22
C VAL B 152 10.06 10.83 4.68
N GLN B 153 10.21 12.13 4.94
CA GLN B 153 10.27 12.64 6.31
C GLN B 153 9.44 13.90 6.41
N TRP B 154 8.96 14.16 7.62
CA TRP B 154 8.15 15.32 7.91
C TRP B 154 8.93 16.25 8.82
N LEU B 155 8.85 17.55 8.55
CA LEU B 155 9.46 18.56 9.39
C LEU B 155 8.40 19.52 9.89
N HIS B 156 8.55 19.93 11.15
CA HIS B 156 7.71 20.96 11.75
C HIS B 156 8.64 22.02 12.30
N ASN B 157 8.48 23.26 11.83
CA ASN B 157 9.36 24.37 12.20
C ASN B 157 10.82 24.02 11.93
N GLU B 158 11.08 23.43 10.76
CA GLU B 158 12.44 23.10 10.32
C GLU B 158 13.13 22.10 11.24
N VAL B 159 12.38 21.34 12.04
CA VAL B 159 12.93 20.28 12.87
C VAL B 159 12.27 18.98 12.46
N GLN B 160 13.07 17.92 12.30
CA GLN B 160 12.55 16.67 11.79
C GLN B 160 11.72 15.94 12.84
N LEU B 161 10.53 15.51 12.45
CA LEU B 161 9.68 14.76 13.36
C LEU B 161 10.15 13.32 13.46
N PRO B 162 9.95 12.68 14.62
CA PRO B 162 10.24 11.24 14.71
C PRO B 162 9.48 10.47 13.65
N ASP B 163 10.09 9.37 13.19
CA ASP B 163 9.56 8.66 12.04
C ASP B 163 8.21 8.00 12.33
N ALA B 164 7.97 7.60 13.58
CA ALA B 164 6.72 6.94 13.94
C ALA B 164 5.52 7.88 13.85
N ARG B 165 5.73 9.19 13.72
CA ARG B 165 4.61 10.11 13.61
C ARG B 165 3.86 9.96 12.31
N HIS B 166 4.50 9.41 11.28
CA HIS B 166 3.89 9.34 9.95
C HIS B 166 3.94 7.90 9.45
N SER B 167 3.09 7.61 8.47
CA SER B 167 3.15 6.36 7.73
C SER B 167 3.14 6.64 6.24
N THR B 168 3.84 5.78 5.49
CA THR B 168 4.03 5.95 4.05
C THR B 168 3.65 4.65 3.36
N THR B 169 2.89 4.76 2.27
CA THR B 169 2.53 3.59 1.48
C THR B 169 3.74 3.06 0.73
N GLN B 170 3.59 1.86 0.17
CA GLN B 170 4.66 1.27 -0.64
C GLN B 170 4.68 1.91 -2.04
N PRO B 171 5.86 2.04 -2.64
CA PRO B 171 5.95 2.61 -4.00
C PRO B 171 5.17 1.78 -5.00
N ARG B 172 4.28 2.43 -5.72
CA ARG B 172 3.44 1.80 -6.72
C ARG B 172 3.73 2.40 -8.09
N LYS B 173 3.68 1.57 -9.12
CA LYS B 173 3.96 2.02 -10.48
C LYS B 173 2.84 2.91 -10.99
N THR B 174 3.21 4.03 -11.60
CA THR B 174 2.22 4.87 -12.25
C THR B 174 1.79 4.25 -13.57
N LYS B 175 0.67 4.74 -14.10
CA LYS B 175 0.16 4.21 -15.36
C LYS B 175 1.15 4.42 -16.50
N GLY B 176 1.83 5.58 -16.50
CA GLY B 176 2.87 5.85 -17.47
C GLY B 176 4.25 5.62 -16.89
N SER B 177 5.00 6.69 -16.67
CA SER B 177 6.38 6.61 -16.19
C SER B 177 6.46 7.06 -14.74
N GLY B 178 7.09 6.24 -13.90
CA GLY B 178 7.41 6.62 -12.55
C GLY B 178 6.65 5.81 -11.51
N PHE B 179 6.97 6.13 -10.26
CA PHE B 179 6.33 5.56 -9.08
C PHE B 179 5.67 6.67 -8.29
N PHE B 180 4.77 6.28 -7.39
CA PHE B 180 4.21 7.23 -6.45
C PHE B 180 4.08 6.57 -5.08
N VAL B 181 4.13 7.42 -4.05
CA VAL B 181 3.80 7.02 -2.69
C VAL B 181 2.96 8.14 -2.11
N PHE B 182 2.18 7.79 -1.09
CA PHE B 182 1.47 8.73 -0.25
C PHE B 182 2.05 8.63 1.17
N SER B 183 2.06 9.76 1.87
CA SER B 183 2.45 9.80 3.27
C SER B 183 1.39 10.56 4.05
N ARG B 184 1.16 10.13 5.28
CA ARG B 184 0.11 10.66 6.13
C ARG B 184 0.71 11.08 7.48
N LEU B 185 0.34 12.26 7.98
CA LEU B 185 0.81 12.76 9.27
C LEU B 185 -0.35 13.39 10.01
N GLU B 186 -0.72 12.83 11.16
CA GLU B 186 -1.75 13.42 12.01
C GLU B 186 -1.10 14.43 12.95
N VAL B 187 -1.72 15.61 13.04
CA VAL B 187 -1.25 16.69 13.91
C VAL B 187 -2.40 17.11 14.81
N THR B 188 -2.03 17.71 15.94
CA THR B 188 -2.98 18.21 16.93
C THR B 188 -3.10 19.72 16.81
N ARG B 189 -4.16 20.25 17.43
CA ARG B 189 -4.46 21.68 17.35
C ARG B 189 -3.29 22.53 17.83
N ALA B 190 -2.74 22.22 19.01
CA ALA B 190 -1.63 23.00 19.53
C ALA B 190 -0.44 23.06 18.58
N GLU B 191 -0.26 22.03 17.74
CA GLU B 191 0.89 22.01 16.85
C GLU B 191 0.80 23.08 15.78
N TRP B 192 -0.31 23.11 15.02
CA TRP B 192 -0.39 24.05 13.91
C TRP B 192 -0.66 25.47 14.37
N GLU B 193 -1.30 25.65 15.52
CA GLU B 193 -1.55 26.99 16.03
C GLU B 193 -0.25 27.71 16.37
N GLN B 194 0.76 26.95 16.82
CA GLN B 194 2.03 27.56 17.17
C GLN B 194 2.96 27.70 15.96
N LYS B 195 2.73 26.92 14.91
CA LYS B 195 3.34 27.21 13.61
C LYS B 195 2.62 26.40 12.56
N ASP B 196 2.05 27.09 11.57
CA ASP B 196 1.39 26.42 10.46
C ASP B 196 2.35 26.07 9.34
N GLU B 197 3.56 25.63 9.69
CA GLU B 197 4.57 25.25 8.71
C GLU B 197 4.98 23.80 8.97
N PHE B 198 4.37 22.89 8.22
CA PHE B 198 4.85 21.52 8.16
C PHE B 198 5.42 21.27 6.77
N ILE B 199 6.50 20.51 6.71
CA ILE B 199 7.18 20.24 5.46
C ILE B 199 7.18 18.75 5.22
N CYS B 200 6.85 18.36 3.99
CA CYS B 200 7.02 17.00 3.52
C CYS B 200 8.27 16.96 2.65
N ARG B 201 9.24 16.15 3.04
CA ARG B 201 10.55 16.09 2.39
C ARG B 201 10.80 14.68 1.87
N ALA B 202 11.11 14.58 0.59
CA ALA B 202 11.53 13.32 -0.04
C ALA B 202 13.03 13.34 -0.28
N VAL B 203 13.69 12.25 0.08
CA VAL B 203 15.08 12.01 -0.26
C VAL B 203 15.11 10.95 -1.36
N HIS B 204 15.81 11.26 -2.45
CA HIS B 204 15.79 10.41 -3.62
C HIS B 204 17.05 10.68 -4.41
N GLU B 205 17.58 9.65 -5.08
CA GLU B 205 18.87 9.80 -5.74
C GLU B 205 18.83 10.78 -6.90
N ALA B 206 17.70 10.91 -7.58
CA ALA B 206 17.61 11.77 -8.77
C ALA B 206 17.21 13.21 -8.45
N ALA B 207 17.06 13.55 -7.17
CA ALA B 207 16.62 14.89 -6.81
C ALA B 207 17.82 15.81 -6.65
N SER B 208 17.68 17.03 -7.13
CA SER B 208 18.81 17.95 -7.14
C SER B 208 18.44 19.31 -6.57
N PRO B 209 19.36 19.89 -5.78
CA PRO B 209 20.60 19.23 -5.39
C PRO B 209 20.45 18.55 -4.03
N SER B 210 21.54 17.96 -3.56
CA SER B 210 21.60 17.33 -2.24
C SER B 210 20.56 16.22 -2.06
N GLN B 211 20.01 15.72 -3.17
CA GLN B 211 19.11 14.56 -3.16
C GLN B 211 17.88 14.75 -2.28
N THR B 212 17.38 15.98 -2.15
CA THR B 212 16.17 16.24 -1.37
C THR B 212 15.25 17.16 -2.15
N VAL B 213 13.96 16.90 -2.04
CA VAL B 213 12.92 17.80 -2.55
C VAL B 213 11.85 17.86 -1.47
N GLN B 214 11.28 19.05 -1.25
CA GLN B 214 10.36 19.21 -0.14
C GLN B 214 9.31 20.26 -0.48
N ARG B 215 8.17 20.16 0.20
CA ARG B 215 7.07 21.10 0.00
C ARG B 215 6.38 21.34 1.33
N ALA B 216 6.12 22.61 1.64
CA ALA B 216 5.43 22.98 2.86
C ALA B 216 3.92 22.92 2.69
N VAL B 217 3.22 22.74 3.82
CA VAL B 217 1.77 22.87 3.90
C VAL B 217 1.40 23.64 5.16
N SER B 218 0.37 24.49 5.06
CA SER B 218 -0.23 25.17 6.19
C SER B 218 -1.64 24.63 6.44
N VAL B 219 -2.02 24.51 7.71
CA VAL B 219 -3.36 24.06 8.05
C VAL B 219 -4.38 25.17 7.85
N ASN B 220 -4.16 26.33 8.47
CA ASN B 220 -5.02 27.50 8.27
C ASN B 220 -4.25 28.81 8.41
C1 NAG C . 4.96 -16.67 -9.67
C2 NAG C . 5.16 -16.71 -8.15
C3 NAG C . 3.80 -16.68 -7.44
C4 NAG C . 2.95 -15.51 -7.93
C5 NAG C . 2.85 -15.56 -9.46
C6 NAG C . 2.11 -14.38 -10.04
C7 NAG C . 7.18 -17.82 -7.34
C8 NAG C . 7.82 -19.13 -6.98
N2 NAG C . 5.91 -17.88 -7.77
O3 NAG C . 4.01 -16.58 -6.04
O4 NAG C . 1.64 -15.60 -7.39
O5 NAG C . 4.17 -15.54 -10.03
O6 NAG C . 2.69 -13.15 -9.62
O7 NAG C . 7.79 -16.75 -7.24
C1 NAG C . 1.46 -14.61 -6.36
C2 NAG C . 0.04 -14.05 -6.47
C3 NAG C . -0.24 -13.07 -5.32
C4 NAG C . 0.09 -13.69 -3.98
C5 NAG C . 1.50 -14.27 -3.99
C6 NAG C . 1.82 -15.03 -2.72
C7 NAG C . -1.11 -13.79 -8.61
C8 NAG C . -1.97 -14.93 -8.21
N2 NAG C . -0.17 -13.40 -7.75
O3 NAG C . -1.61 -12.68 -5.36
O4 NAG C . 0.03 -12.69 -2.97
O5 NAG C . 1.64 -15.20 -5.07
O6 NAG C . 2.41 -16.29 -3.01
O7 NAG C . -1.25 -13.22 -9.70
C1 BMA C . -1.10 -12.90 -2.10
C2 BMA C . -0.77 -12.19 -0.78
C3 BMA C . -1.98 -12.14 0.15
C4 BMA C . -3.26 -11.74 -0.60
C5 BMA C . -3.44 -12.56 -1.88
C6 BMA C . -4.66 -12.12 -2.68
O2 BMA C . -0.40 -10.84 -1.03
O3 BMA C . -1.76 -11.25 1.24
O4 BMA C . -4.37 -11.95 0.24
O5 BMA C . -2.28 -12.40 -2.69
O6 BMA C . -4.46 -10.78 -3.11
C1 MAN C . -1.35 -11.97 2.41
C2 MAN C . -1.59 -11.04 3.65
C3 MAN C . -0.47 -9.97 3.78
C4 MAN C . 0.93 -10.58 3.63
C5 MAN C . 1.02 -11.36 2.32
C6 MAN C . 2.37 -12.01 2.12
O2 MAN C . -1.58 -11.77 4.88
O3 MAN C . -0.55 -9.26 5.01
O4 MAN C . 1.92 -9.55 3.64
O5 MAN C . 0.01 -12.40 2.32
O6 MAN C . 2.47 -12.43 0.76
C1 MAN C . -5.19 -10.57 -4.33
C2 MAN C . -4.62 -9.32 -5.01
C3 MAN C . -4.82 -8.12 -4.08
C4 MAN C . -6.32 -7.95 -3.74
C5 MAN C . -6.88 -9.26 -3.17
C6 MAN C . -8.38 -9.25 -2.94
O2 MAN C . -5.37 -9.01 -6.19
O3 MAN C . -4.28 -6.93 -4.64
O4 MAN C . -6.49 -6.93 -2.77
O5 MAN C . -6.57 -10.37 -4.09
O6 MAN C . -8.66 -10.12 -1.85
C1 NAG D . 3.55 -13.63 11.82
C2 NAG D . 3.57 -13.95 10.33
C3 NAG D . 4.81 -13.35 9.68
C4 NAG D . 4.91 -11.86 9.98
C5 NAG D . 4.83 -11.62 11.49
C6 NAG D . 4.80 -10.16 11.87
C7 NAG D . 2.56 -15.96 9.36
C8 NAG D . 2.66 -17.45 9.21
N2 NAG D . 3.51 -15.38 10.08
O3 NAG D . 4.77 -13.57 8.28
O4 NAG D . 6.14 -11.33 9.52
O5 NAG D . 3.62 -12.20 12.01
O6 NAG D . 3.77 -9.45 11.21
O7 NAG D . 1.65 -15.31 8.83
C1 NAG D . 5.96 -10.75 8.23
C2 NAG D . 6.97 -9.63 8.06
C3 NAG D . 6.79 -8.98 6.69
C4 NAG D . 6.87 -10.03 5.58
C5 NAG D . 5.96 -11.22 5.87
C6 NAG D . 6.22 -12.40 4.94
C7 NAG D . 7.62 -8.68 10.22
C8 NAG D . 7.38 -7.59 11.21
N2 NAG D . 6.86 -8.65 9.12
O3 NAG D . 7.80 -7.98 6.51
O4 NAG D . 6.45 -9.45 4.36
O5 NAG D . 6.14 -11.72 7.21
O6 NAG D . 5.69 -12.18 3.65
O7 NAG D . 8.46 -9.56 10.41
C1 BMA D . 7.56 -9.07 3.51
C2 BMA D . 6.95 -8.67 2.15
C3 BMA D . 8.00 -8.05 1.24
C4 BMA D . 8.79 -6.96 1.98
C5 BMA D . 9.41 -7.55 3.25
C6 BMA D . 10.24 -6.56 4.07
O2 BMA D . 5.96 -7.67 2.32
O3 BMA D . 7.42 -7.51 0.06
O4 BMA D . 9.79 -6.43 1.13
O5 BMA D . 8.34 -8.02 4.09
O6 BMA D . 9.98 -5.24 3.61
C1 MAN D . 7.17 -8.54 -0.92
C2 MAN D . 8.24 -8.38 -2.00
C3 MAN D . 8.12 -6.98 -2.61
C4 MAN D . 6.67 -6.70 -3.08
C5 MAN D . 5.65 -7.02 -1.97
C6 MAN D . 4.21 -6.94 -2.41
O2 MAN D . 8.02 -9.29 -3.09
O3 MAN D . 9.06 -6.77 -3.65
O4 MAN D . 6.55 -5.33 -3.46
O5 MAN D . 5.89 -8.36 -1.46
O6 MAN D . 3.45 -7.80 -1.58
C1 MAN D . 10.62 -4.29 4.49
C2 MAN D . 9.76 -4.15 5.77
C3 MAN D . 8.45 -3.41 5.45
C4 MAN D . 8.76 -2.07 4.77
C5 MAN D . 9.54 -2.37 3.49
C6 MAN D . 9.88 -1.14 2.66
O2 MAN D . 10.44 -3.35 6.75
O3 MAN D . 7.62 -3.21 6.59
O4 MAN D . 7.55 -1.36 4.47
O5 MAN D . 10.78 -3.03 3.85
O6 MAN D . 9.28 -1.30 1.37
S SO4 E . -19.44 -27.04 -8.83
O1 SO4 E . -19.66 -27.87 -7.65
O2 SO4 E . -18.31 -27.59 -9.58
O3 SO4 E . -19.13 -25.67 -8.43
O4 SO4 E . -20.64 -27.05 -9.66
S SO4 F . -4.90 9.13 13.97
O1 SO4 F . -5.46 7.89 14.49
O2 SO4 F . -3.64 8.84 13.28
O3 SO4 F . -5.86 9.73 13.04
O4 SO4 F . -4.66 10.05 15.07
S SO4 G . -11.06 -0.60 -5.03
O1 SO4 G . -10.27 0.38 -5.76
O2 SO4 G . -10.23 -1.76 -4.70
O3 SO4 G . -12.18 -1.04 -5.87
O4 SO4 G . -11.58 -0.01 -3.81
C1 EDO H . 0.89 -0.05 0.86
O1 EDO H . 0.03 0.55 1.86
C2 EDO H . 0.06 -0.46 -0.34
O2 EDO H . 0.38 0.41 -1.43
C1 EDO I . -29.54 -13.59 -0.01
O1 EDO I . -29.00 -14.90 0.25
C2 EDO I . -30.00 -13.44 -1.46
O2 EDO I . -29.47 -12.22 -1.99
S SO4 J . 29.96 -11.14 11.83
O1 SO4 J . 29.99 -12.59 11.79
O2 SO4 J . 31.20 -10.63 12.40
O3 SO4 J . 28.82 -10.71 12.64
O4 SO4 J . 29.81 -10.63 10.47
S SO4 K . 32.74 5.68 2.53
O1 SO4 K . 32.79 4.88 1.30
O2 SO4 K . 33.97 5.48 3.29
O3 SO4 K . 32.61 7.09 2.18
O4 SO4 K . 31.60 5.28 3.34
S SO4 L . 16.98 18.83 13.24
O1 SO4 L . 17.13 19.37 11.89
O2 SO4 L . 18.27 18.41 13.77
O3 SO4 L . 16.41 19.86 14.11
O4 SO4 L . 16.08 17.68 13.20
S SO4 M . 0.03 8.36 -14.95
O1 SO4 M . -0.87 8.51 -16.09
O2 SO4 M . 1.20 7.60 -15.36
O3 SO4 M . 0.45 9.68 -14.50
O4 SO4 M . -0.64 7.65 -13.87
C1 PEG N . 13.33 5.68 5.18
O1 PEG N . 14.39 6.23 5.98
C2 PEG N . 12.05 6.54 5.41
O2 PEG N . 11.12 6.27 4.37
C3 PEG N . 9.86 6.92 4.52
C4 PEG N . 8.89 6.06 5.38
O4 PEG N . 7.88 6.92 5.84
#